data_3TUD
#
_entry.id   3TUD
#
_cell.length_a   46.799
_cell.length_b   68.066
_cell.length_c   82.790
_cell.angle_alpha   90.00
_cell.angle_beta   90.00
_cell.angle_gamma   90.00
#
_symmetry.space_group_name_H-M   'P 21 21 21'
#
loop_
_entity.id
_entity.type
_entity.pdbx_description
1 polymer 'Tyrosine-protein kinase SYK'
2 non-polymer N-{4-methyl-3-[8-methyl-7-oxo-2-(phenylamino)-7,8-dihydropyrido[2,3-d]pyrimidin-6-yl]phenyl}-3-(trifluoromethyl)benzamide
3 water water
#
_entity_poly.entity_id   1
_entity_poly.type   'polypeptide(L)'
_entity_poly.pdbx_seq_one_letter_code
;MDTEVYESPYADPEEIRPKEVYLDRKLLTLEDKELGSGNFGTVKKGYYQMKKVVKTVAVKILKNEANDPALKDELLAEAN
VMQQLDNPYIVRMIGICEAESWMLVMEMAELGPLNKYLQQNRHVKDKNIIELVHQVSMGMKYLEESNFVHRDLAARNVLL
VTQHYAKISDFGLSKALRADENYYKAQTHGKWPVKWYAPECINYYKFSSKSDVWSFGVLMWEAFSYGQKPYRGMKGSEVT
AMLEKGERMGCPAGCPREMYDLMNLCWTYDVENRPGFAAVELRLRNYYYDVVNHHHHHH
;
_entity_poly.pdbx_strand_id   A
#
loop_
_chem_comp.id
_chem_comp.type
_chem_comp.name
_chem_comp.formula
FPX non-polymer N-{4-methyl-3-[8-methyl-7-oxo-2-(phenylamino)-7,8-dihydropyrido[2,3-d]pyrimidin-6-yl]phenyl}-3-(trifluoromethyl)benzamide 'C29 H22 F3 N5 O2'
#
# COMPACT_ATOMS: atom_id res chain seq x y z
N VAL A 21 -8.04 22.92 -4.60
CA VAL A 21 -7.54 22.29 -5.83
C VAL A 21 -6.03 22.58 -6.09
N TYR A 22 -5.69 23.86 -6.32
CA TYR A 22 -4.33 24.34 -6.59
C TYR A 22 -3.88 25.18 -5.43
N LEU A 23 -2.77 24.78 -4.82
CA LEU A 23 -2.25 25.44 -3.62
C LEU A 23 -1.26 26.56 -3.88
N ASP A 24 -1.23 27.52 -2.96
CA ASP A 24 -0.35 28.68 -2.96
C ASP A 24 0.98 28.24 -2.35
N ARG A 25 2.09 28.33 -3.12
CA ARG A 25 3.43 27.98 -2.61
C ARG A 25 3.80 28.77 -1.36
N LYS A 26 3.32 30.02 -1.26
CA LYS A 26 3.56 30.88 -0.09
C LYS A 26 3.04 30.20 1.20
N LEU A 27 1.94 29.40 1.07
CA LEU A 27 1.36 28.67 2.20
C LEU A 27 2.02 27.28 2.44
N LEU A 28 3.13 26.97 1.73
CA LEU A 28 3.81 25.70 1.85
C LEU A 28 5.27 25.81 2.30
N THR A 29 5.59 25.13 3.42
CA THR A 29 6.91 25.08 4.04
C THR A 29 7.49 23.69 3.87
N LEU A 30 8.67 23.58 3.24
CA LEU A 30 9.32 22.29 3.04
C LEU A 30 10.55 22.09 3.91
N GLU A 31 10.66 20.91 4.53
CA GLU A 31 11.84 20.50 5.29
C GLU A 31 12.84 20.00 4.25
N ASP A 32 14.16 20.12 4.53
CA ASP A 32 15.19 19.71 3.58
C ASP A 32 15.59 18.25 3.63
N LYS A 33 14.94 17.47 4.53
CA LYS A 33 15.15 16.05 4.67
C LYS A 33 14.14 15.27 3.80
N GLU A 34 14.61 14.20 3.15
CA GLU A 34 13.84 13.37 2.23
C GLU A 34 13.16 12.15 2.88
N LEU A 35 11.82 12.04 2.75
CA LEU A 35 11.03 10.89 3.24
C LEU A 35 11.16 9.73 2.24
N GLY A 36 11.37 10.11 0.97
CA GLY A 36 11.51 9.20 -0.17
C GLY A 36 12.42 9.76 -1.24
N SER A 37 13.03 8.84 -2.00
CA SER A 37 13.96 9.15 -3.10
C SER A 37 13.51 8.31 -4.30
N GLY A 38 13.53 8.93 -5.47
CA GLY A 38 13.13 8.28 -6.71
C GLY A 38 13.66 8.96 -7.96
N ASN A 39 13.60 8.25 -9.10
CA ASN A 39 14.08 8.77 -10.38
C ASN A 39 13.28 9.97 -10.89
N PHE A 40 11.96 9.99 -10.62
CA PHE A 40 11.07 11.05 -11.07
C PHE A 40 10.55 11.94 -9.95
N GLY A 41 11.20 11.88 -8.80
CA GLY A 41 10.76 12.71 -7.68
C GLY A 41 11.43 12.46 -6.36
N THR A 42 11.32 13.47 -5.49
CA THR A 42 11.83 13.46 -4.14
C THR A 42 10.68 13.78 -3.21
N VAL A 43 10.52 12.97 -2.17
CA VAL A 43 9.45 13.21 -1.21
C VAL A 43 10.05 13.90 0.03
N LYS A 44 9.42 15.00 0.44
CA LYS A 44 9.84 15.79 1.59
C LYS A 44 8.62 16.05 2.44
N LYS A 45 8.84 16.15 3.76
CA LYS A 45 7.82 16.48 4.74
C LYS A 45 7.69 18.02 4.64
N GLY A 46 6.45 18.49 4.74
CA GLY A 46 6.14 19.90 4.69
C GLY A 46 4.99 20.25 5.60
N TYR A 47 4.57 21.51 5.54
CA TYR A 47 3.48 22.06 6.34
C TYR A 47 2.70 23.04 5.46
N TYR A 48 1.37 22.84 5.38
CA TYR A 48 0.47 23.67 4.61
C TYR A 48 -0.39 24.49 5.55
N GLN A 49 -0.24 25.83 5.49
CA GLN A 49 -0.95 26.77 6.34
C GLN A 49 -2.44 26.83 6.01
N MET A 50 -3.28 26.56 7.00
CA MET A 50 -4.72 26.57 6.82
C MET A 50 -5.42 27.45 7.84
N LYS A 51 -5.50 28.77 7.54
CA LYS A 51 -6.20 29.80 8.31
C LYS A 51 -5.79 29.93 9.77
N LYS A 52 -6.17 28.94 10.60
CA LYS A 52 -5.96 28.89 12.05
C LYS A 52 -4.84 27.89 12.39
N VAL A 53 -4.89 26.71 11.74
CA VAL A 53 -3.96 25.60 11.95
C VAL A 53 -3.02 25.41 10.76
N VAL A 54 -2.04 24.54 10.93
CA VAL A 54 -1.06 24.15 9.92
C VAL A 54 -1.20 22.62 9.77
N LYS A 55 -1.24 22.11 8.51
CA LYS A 55 -1.35 20.66 8.27
C LYS A 55 -0.06 20.10 7.74
N THR A 56 0.44 19.07 8.42
CA THR A 56 1.66 18.33 8.05
C THR A 56 1.26 17.52 6.83
N VAL A 57 2.14 17.51 5.84
CA VAL A 57 1.93 16.88 4.55
C VAL A 57 3.23 16.23 4.09
N ALA A 58 3.13 15.37 3.07
CA ALA A 58 4.25 14.74 2.36
C ALA A 58 4.12 15.29 0.95
N VAL A 59 5.27 15.73 0.38
CA VAL A 59 5.38 16.42 -0.90
C VAL A 59 6.30 15.75 -1.91
N LYS A 60 5.71 15.37 -3.04
CA LYS A 60 6.45 14.79 -4.16
C LYS A 60 6.84 15.97 -5.03
N ILE A 61 8.13 16.22 -5.14
CA ILE A 61 8.64 17.31 -5.96
C ILE A 61 9.10 16.66 -7.24
N LEU A 62 8.50 17.08 -8.38
CA LEU A 62 8.79 16.50 -9.69
C LEU A 62 10.22 16.72 -10.13
N LYS A 63 10.94 15.62 -10.27
CA LYS A 63 12.32 15.64 -10.75
C LYS A 63 12.21 15.32 -12.24
N ASN A 64 12.30 16.38 -13.10
CA ASN A 64 12.19 16.28 -14.55
C ASN A 64 13.53 16.68 -15.21
N GLU A 65 14.57 15.90 -14.93
CA GLU A 65 15.98 16.10 -15.31
C GLU A 65 16.38 16.45 -16.78
N ALA A 66 15.83 15.88 -17.87
CA ALA A 66 15.02 14.70 -18.22
C ALA A 66 14.73 14.73 -19.72
N ASN A 67 14.01 15.76 -20.31
CA ASN A 67 13.28 16.92 -19.76
C ASN A 67 11.97 17.01 -20.61
N ASP A 68 11.03 16.09 -20.37
CA ASP A 68 9.80 16.01 -21.15
C ASP A 68 8.53 16.66 -20.60
N PRO A 69 7.65 17.17 -21.50
CA PRO A 69 6.38 17.75 -21.01
C PRO A 69 5.35 16.67 -20.62
N ALA A 70 5.61 15.40 -20.99
CA ALA A 70 4.78 14.25 -20.69
C ALA A 70 4.95 13.79 -19.23
N LEU A 71 6.11 14.13 -18.59
CA LEU A 71 6.36 13.75 -17.19
C LEU A 71 5.46 14.57 -16.26
N LYS A 72 5.25 15.86 -16.62
CA LYS A 72 4.36 16.78 -15.93
C LYS A 72 2.92 16.27 -16.13
N ASP A 73 2.58 15.81 -17.37
CA ASP A 73 1.27 15.25 -17.75
C ASP A 73 0.91 14.08 -16.87
N GLU A 74 1.89 13.21 -16.58
CA GLU A 74 1.78 12.03 -15.75
C GLU A 74 1.40 12.45 -14.31
N LEU A 75 2.11 13.46 -13.75
CA LEU A 75 1.88 14.00 -12.40
C LEU A 75 0.47 14.59 -12.28
N LEU A 76 0.05 15.29 -13.33
CA LEU A 76 -1.26 15.93 -13.39
C LEU A 76 -2.36 14.89 -13.55
N ALA A 77 -2.07 13.77 -14.25
CA ALA A 77 -2.99 12.63 -14.45
C ALA A 77 -3.17 11.89 -13.13
N GLU A 78 -2.05 11.69 -12.36
CA GLU A 78 -2.01 11.03 -11.05
C GLU A 78 -2.89 11.82 -10.08
N ALA A 79 -2.82 13.17 -10.17
CA ALA A 79 -3.58 14.10 -9.35
C ALA A 79 -5.09 13.96 -9.61
N ASN A 80 -5.46 13.80 -10.90
CA ASN A 80 -6.82 13.58 -11.37
C ASN A 80 -7.32 12.22 -10.89
N VAL A 81 -6.48 11.15 -11.02
CA VAL A 81 -6.78 9.78 -10.53
C VAL A 81 -7.06 9.84 -9.01
N MET A 82 -6.14 10.48 -8.25
CA MET A 82 -6.21 10.64 -6.80
C MET A 82 -7.46 11.39 -6.37
N GLN A 83 -7.89 12.40 -7.14
CA GLN A 83 -9.07 13.22 -6.85
C GLN A 83 -10.33 12.34 -6.89
N GLN A 84 -10.36 11.36 -7.81
CA GLN A 84 -11.46 10.40 -8.00
C GLN A 84 -11.54 9.39 -6.87
N LEU A 85 -10.36 8.91 -6.39
CA LEU A 85 -10.24 7.95 -5.28
C LEU A 85 -10.36 8.73 -3.96
N ASP A 86 -11.49 8.58 -3.26
CA ASP A 86 -11.68 9.26 -1.98
C ASP A 86 -12.23 8.25 -1.02
N ASN A 87 -11.35 7.79 -0.11
CA ASN A 87 -11.66 6.79 0.90
C ASN A 87 -10.71 6.98 2.09
N PRO A 88 -11.19 6.78 3.33
CA PRO A 88 -10.30 6.97 4.48
C PRO A 88 -9.09 6.04 4.57
N TYR A 89 -9.06 4.94 3.77
CA TYR A 89 -7.98 3.94 3.83
C TYR A 89 -6.88 3.99 2.75
N ILE A 90 -6.78 5.13 2.08
CA ILE A 90 -5.83 5.44 0.99
C ILE A 90 -5.12 6.77 1.32
N VAL A 91 -3.83 6.91 0.97
CA VAL A 91 -3.11 8.17 1.16
C VAL A 91 -3.83 9.22 0.26
N ARG A 92 -4.56 10.19 0.86
CA ARG A 92 -5.36 11.21 0.13
C ARG A 92 -4.59 12.45 -0.33
N MET A 93 -5.08 13.05 -1.42
CA MET A 93 -4.49 14.25 -2.02
C MET A 93 -5.02 15.52 -1.40
N ILE A 94 -4.08 16.44 -1.08
CA ILE A 94 -4.39 17.79 -0.60
C ILE A 94 -4.49 18.67 -1.85
N GLY A 95 -3.48 18.57 -2.72
CA GLY A 95 -3.45 19.35 -3.95
C GLY A 95 -2.16 19.36 -4.74
N ILE A 96 -2.13 20.23 -5.75
CA ILE A 96 -0.99 20.44 -6.66
C ILE A 96 -0.42 21.82 -6.37
N CYS A 97 0.89 21.95 -6.55
CA CYS A 97 1.55 23.22 -6.36
C CYS A 97 2.62 23.44 -7.39
N GLU A 98 2.51 24.52 -8.21
CA GLU A 98 3.56 24.83 -9.17
C GLU A 98 4.46 25.92 -8.62
N ALA A 99 5.73 25.55 -8.38
CA ALA A 99 6.72 26.48 -7.84
C ALA A 99 8.03 26.34 -8.63
N GLU A 100 9.17 26.16 -7.96
CA GLU A 100 10.50 25.99 -8.60
C GLU A 100 10.48 24.73 -9.46
N SER A 101 9.62 23.77 -9.07
CA SER A 101 9.31 22.48 -9.71
C SER A 101 7.83 22.18 -9.43
N TRP A 102 7.24 21.19 -10.12
CA TRP A 102 5.85 20.80 -9.91
C TRP A 102 5.77 19.95 -8.67
N MET A 103 4.78 20.20 -7.81
CA MET A 103 4.66 19.47 -6.55
C MET A 103 3.29 18.86 -6.36
N LEU A 104 3.25 17.60 -5.89
CA LEU A 104 2.02 16.90 -5.54
C LEU A 104 2.00 16.78 -4.01
N VAL A 105 0.98 17.40 -3.38
CA VAL A 105 0.81 17.50 -1.93
C VAL A 105 -0.22 16.47 -1.40
N MET A 106 0.28 15.59 -0.52
CA MET A 106 -0.47 14.49 0.11
C MET A 106 -0.41 14.57 1.60
N GLU A 107 -1.41 13.97 2.24
CA GLU A 107 -1.46 13.82 3.69
C GLU A 107 -0.30 12.92 4.17
N MET A 108 0.23 13.24 5.36
CA MET A 108 1.35 12.55 6.00
C MET A 108 0.82 11.40 6.84
N ALA A 109 1.47 10.23 6.71
CA ALA A 109 1.23 9.03 7.51
C ALA A 109 2.54 8.99 8.28
N GLU A 110 2.46 9.59 9.48
CA GLU A 110 3.60 9.85 10.37
C GLU A 110 4.44 8.65 10.82
N LEU A 111 3.86 7.43 10.91
CA LEU A 111 4.65 6.28 11.36
C LEU A 111 5.43 5.54 10.28
N GLY A 112 5.23 5.93 9.02
CA GLY A 112 5.91 5.30 7.91
C GLY A 112 5.35 3.95 7.49
N PRO A 113 6.13 3.17 6.71
CA PRO A 113 5.64 1.86 6.22
C PRO A 113 5.39 0.79 7.29
N LEU A 114 4.33 -0.04 7.07
CA LEU A 114 3.95 -1.10 8.00
C LEU A 114 5.07 -2.14 8.29
N ASN A 115 5.90 -2.45 7.29
CA ASN A 115 6.96 -3.41 7.51
C ASN A 115 8.00 -2.94 8.52
N LYS A 116 8.58 -1.74 8.33
CA LYS A 116 9.56 -1.13 9.24
C LYS A 116 8.97 -0.91 10.64
N TYR A 117 7.70 -0.48 10.71
CA TYR A 117 7.06 -0.27 12.00
C TYR A 117 7.04 -1.53 12.80
N LEU A 118 6.56 -2.63 12.20
CA LEU A 118 6.46 -3.92 12.85
C LEU A 118 7.83 -4.55 13.17
N GLN A 119 8.88 -4.25 12.37
CA GLN A 119 10.22 -4.76 12.65
C GLN A 119 10.76 -4.13 13.95
N GLN A 120 10.31 -2.90 14.28
CA GLN A 120 10.72 -2.12 15.44
C GLN A 120 9.72 -2.15 16.60
N ASN A 121 8.52 -2.70 16.38
CA ASN A 121 7.48 -2.71 17.42
C ASN A 121 6.90 -4.09 17.61
N ARG A 122 7.76 -5.04 18.04
CA ARG A 122 7.36 -6.42 18.29
C ARG A 122 6.24 -6.64 19.31
N HIS A 123 5.88 -5.57 20.05
CA HIS A 123 4.82 -5.54 21.06
C HIS A 123 3.42 -5.37 20.48
N VAL A 124 3.32 -5.16 19.16
CA VAL A 124 2.02 -5.02 18.51
C VAL A 124 1.22 -6.30 18.64
N LYS A 125 0.01 -6.19 19.23
CA LYS A 125 -0.86 -7.35 19.42
C LYS A 125 -1.42 -7.89 18.11
N ASP A 126 -1.66 -9.20 18.03
CA ASP A 126 -2.22 -9.81 16.83
C ASP A 126 -3.68 -9.34 16.58
N LYS A 127 -4.31 -8.77 17.62
CA LYS A 127 -5.65 -8.15 17.59
C LYS A 127 -5.54 -6.82 16.79
N ASN A 128 -4.44 -6.09 17.02
CA ASN A 128 -4.09 -4.84 16.38
C ASN A 128 -3.69 -5.10 14.91
N ILE A 129 -3.07 -6.26 14.62
CA ILE A 129 -2.73 -6.65 13.24
C ILE A 129 -3.99 -7.01 12.42
N ILE A 130 -5.01 -7.68 13.05
CA ILE A 130 -6.29 -7.98 12.38
C ILE A 130 -6.93 -6.66 11.91
N GLU A 131 -6.97 -5.68 12.79
CA GLU A 131 -7.55 -4.35 12.54
C GLU A 131 -6.88 -3.64 11.35
N LEU A 132 -5.55 -3.70 11.28
CA LEU A 132 -4.76 -3.07 10.24
C LEU A 132 -5.00 -3.66 8.87
N VAL A 133 -4.93 -4.99 8.74
CA VAL A 133 -5.17 -5.71 7.48
C VAL A 133 -6.61 -5.58 7.01
N HIS A 134 -7.59 -5.53 7.98
CA HIS A 134 -9.02 -5.29 7.64
C HIS A 134 -9.15 -3.90 6.98
N GLN A 135 -8.48 -2.89 7.56
CA GLN A 135 -8.47 -1.53 7.01
C GLN A 135 -7.88 -1.53 5.61
N VAL A 136 -6.83 -2.35 5.38
CA VAL A 136 -6.21 -2.48 4.08
C VAL A 136 -7.21 -3.12 3.11
N SER A 137 -7.94 -4.17 3.54
CA SER A 137 -8.98 -4.83 2.70
C SER A 137 -10.10 -3.86 2.31
N MET A 138 -10.51 -2.97 3.27
CA MET A 138 -11.54 -1.93 3.08
C MET A 138 -11.15 -0.95 1.97
N GLY A 139 -9.93 -0.43 2.03
CA GLY A 139 -9.37 0.46 1.02
C GLY A 139 -9.20 -0.22 -0.32
N MET A 140 -8.81 -1.51 -0.33
CA MET A 140 -8.66 -2.28 -1.57
C MET A 140 -10.05 -2.61 -2.16
N LYS A 141 -11.06 -2.89 -1.31
CA LYS A 141 -12.44 -3.10 -1.77
C LYS A 141 -12.89 -1.81 -2.47
N TYR A 142 -12.58 -0.65 -1.89
CA TYR A 142 -12.89 0.63 -2.52
C TYR A 142 -12.26 0.72 -3.91
N LEU A 143 -10.93 0.52 -4.03
CA LEU A 143 -10.20 0.57 -5.31
C LEU A 143 -10.75 -0.42 -6.35
N GLU A 144 -11.18 -1.62 -5.89
CA GLU A 144 -11.76 -2.66 -6.73
C GLU A 144 -13.07 -2.14 -7.35
N GLU A 145 -13.94 -1.52 -6.51
CA GLU A 145 -15.23 -0.93 -6.89
C GLU A 145 -15.08 0.23 -7.89
N SER A 146 -13.93 0.95 -7.85
CA SER A 146 -13.59 2.07 -8.73
C SER A 146 -12.75 1.57 -9.91
N ASN A 147 -12.75 0.25 -10.17
CA ASN A 147 -12.00 -0.41 -11.25
C ASN A 147 -10.52 0.03 -11.33
N PHE A 148 -9.86 0.16 -10.16
CA PHE A 148 -8.47 0.58 -10.08
C PHE A 148 -7.62 -0.59 -9.61
N VAL A 149 -6.62 -0.96 -10.41
CA VAL A 149 -5.71 -2.05 -10.09
C VAL A 149 -4.40 -1.45 -9.58
N HIS A 150 -4.04 -1.79 -8.32
CA HIS A 150 -2.83 -1.31 -7.64
C HIS A 150 -1.54 -1.81 -8.30
N ARG A 151 -1.34 -3.16 -8.38
CA ARG A 151 -0.14 -3.77 -9.00
C ARG A 151 1.12 -3.81 -8.13
N ASP A 152 1.15 -3.06 -7.02
CA ASP A 152 2.31 -3.03 -6.10
C ASP A 152 1.90 -3.04 -4.62
N LEU A 153 0.82 -3.78 -4.30
CA LEU A 153 0.33 -3.91 -2.92
C LEU A 153 1.33 -4.82 -2.17
N ALA A 154 1.94 -4.25 -1.11
CA ALA A 154 2.97 -4.83 -0.23
C ALA A 154 2.95 -4.06 1.07
N ALA A 155 3.66 -4.57 2.11
CA ALA A 155 3.69 -3.91 3.41
C ALA A 155 4.38 -2.59 3.38
N ARG A 156 5.44 -2.44 2.54
CA ARG A 156 6.20 -1.20 2.37
C ARG A 156 5.29 -0.09 1.79
N ASN A 157 4.19 -0.47 1.10
CA ASN A 157 3.24 0.46 0.51
C ASN A 157 2.04 0.69 1.39
N VAL A 158 2.06 0.17 2.63
CA VAL A 158 1.04 0.44 3.64
C VAL A 158 1.71 1.34 4.67
N LEU A 159 1.20 2.55 4.82
CA LEU A 159 1.74 3.55 5.72
C LEU A 159 0.79 3.76 6.87
N LEU A 160 1.34 3.92 8.08
CA LEU A 160 0.58 4.14 9.32
C LEU A 160 0.45 5.61 9.73
N VAL A 161 -0.79 6.01 9.99
CA VAL A 161 -1.14 7.32 10.50
C VAL A 161 -0.88 7.26 12.03
N THR A 162 -1.48 6.24 12.68
CA THR A 162 -1.36 5.86 14.08
C THR A 162 -1.15 4.33 14.06
N GLN A 163 -0.95 3.71 15.23
CA GLN A 163 -0.83 2.25 15.31
C GLN A 163 -2.18 1.53 14.99
N HIS A 164 -3.31 2.27 14.95
CA HIS A 164 -4.63 1.69 14.65
C HIS A 164 -5.26 2.29 13.35
N TYR A 165 -4.44 2.90 12.49
CA TYR A 165 -4.93 3.55 11.28
C TYR A 165 -3.96 3.42 10.11
N ALA A 166 -4.23 2.42 9.24
CA ALA A 166 -3.45 2.13 8.05
C ALA A 166 -4.04 2.79 6.81
N LYS A 167 -3.15 3.25 5.93
CA LYS A 167 -3.50 3.88 4.63
C LYS A 167 -2.68 3.28 3.51
N ILE A 168 -3.34 2.94 2.38
CA ILE A 168 -2.71 2.39 1.19
C ILE A 168 -2.08 3.51 0.37
N SER A 169 -0.81 3.33 0.02
CA SER A 169 -0.06 4.25 -0.83
C SER A 169 0.48 3.50 -2.06
N ASP A 170 1.16 4.21 -2.93
CA ASP A 170 1.75 3.68 -4.15
C ASP A 170 2.91 4.59 -4.53
N PHE A 171 4.14 4.20 -4.15
CA PHE A 171 5.35 4.98 -4.45
C PHE A 171 5.77 4.69 -5.88
N GLY A 190 11.07 -2.56 -16.63
CA GLY A 190 12.14 -2.82 -15.68
C GLY A 190 11.81 -3.87 -14.63
N LYS A 191 12.58 -3.83 -13.51
CA LYS A 191 12.50 -4.72 -12.33
C LYS A 191 11.12 -4.69 -11.61
N TRP A 192 10.53 -5.88 -11.36
CA TRP A 192 9.21 -6.05 -10.73
C TRP A 192 9.23 -6.66 -9.30
N PRO A 193 8.20 -6.38 -8.45
CA PRO A 193 8.13 -7.03 -7.12
C PRO A 193 7.48 -8.43 -7.24
N VAL A 194 8.22 -9.38 -7.84
CA VAL A 194 7.83 -10.76 -8.15
C VAL A 194 7.30 -11.55 -6.92
N LYS A 195 7.88 -11.33 -5.73
CA LYS A 195 7.46 -12.06 -4.53
C LYS A 195 6.03 -11.75 -4.04
N TRP A 196 5.41 -10.68 -4.61
CA TRP A 196 4.05 -10.28 -4.28
C TRP A 196 3.10 -10.53 -5.44
N TYR A 197 3.66 -11.01 -6.59
CA TYR A 197 2.93 -11.22 -7.84
C TYR A 197 2.12 -12.51 -7.90
N ALA A 198 0.91 -12.47 -8.50
CA ALA A 198 0.08 -13.67 -8.70
C ALA A 198 0.69 -14.47 -9.89
N PRO A 199 0.43 -15.81 -10.02
CA PRO A 199 1.04 -16.59 -11.12
C PRO A 199 0.66 -16.12 -12.52
N GLU A 200 -0.58 -15.64 -12.70
CA GLU A 200 -1.02 -15.12 -13.99
C GLU A 200 -0.31 -13.78 -14.39
N CYS A 201 0.37 -13.09 -13.42
CA CYS A 201 1.14 -11.85 -13.67
C CYS A 201 2.51 -12.22 -14.22
N ILE A 202 3.14 -13.27 -13.65
CA ILE A 202 4.46 -13.80 -14.02
C ILE A 202 4.41 -14.47 -15.39
N ASN A 203 3.38 -15.29 -15.62
CA ASN A 203 3.21 -16.06 -16.85
C ASN A 203 2.61 -15.29 -18.02
N TYR A 204 1.46 -14.61 -17.83
CA TYR A 204 0.74 -13.94 -18.91
C TYR A 204 0.57 -12.41 -18.84
N TYR A 205 1.12 -11.77 -17.78
CA TYR A 205 1.03 -10.33 -17.50
C TYR A 205 -0.43 -9.88 -17.31
N LYS A 206 -1.30 -10.77 -16.83
CA LYS A 206 -2.70 -10.47 -16.58
C LYS A 206 -2.84 -9.85 -15.16
N PHE A 207 -3.01 -8.50 -15.09
CA PHE A 207 -3.18 -7.75 -13.85
C PHE A 207 -4.61 -7.37 -13.65
N SER A 208 -5.17 -7.74 -12.50
CA SER A 208 -6.54 -7.44 -12.12
C SER A 208 -6.61 -7.21 -10.60
N SER A 209 -7.81 -6.94 -10.08
CA SER A 209 -8.08 -6.80 -8.64
C SER A 209 -7.81 -8.14 -7.93
N LYS A 210 -8.03 -9.26 -8.66
CA LYS A 210 -7.74 -10.59 -8.16
C LYS A 210 -6.23 -10.85 -8.10
N SER A 211 -5.41 -10.19 -8.93
CA SER A 211 -3.95 -10.33 -8.71
C SER A 211 -3.54 -9.39 -7.52
N ASP A 212 -4.35 -8.34 -7.25
CA ASP A 212 -4.10 -7.51 -6.07
C ASP A 212 -4.44 -8.31 -4.79
N VAL A 213 -5.39 -9.29 -4.90
CA VAL A 213 -5.79 -10.20 -3.80
C VAL A 213 -4.60 -11.10 -3.40
N TRP A 214 -3.93 -11.67 -4.39
CA TRP A 214 -2.74 -12.46 -4.14
C TRP A 214 -1.74 -11.64 -3.33
N SER A 215 -1.45 -10.41 -3.78
CA SER A 215 -0.52 -9.45 -3.12
C SER A 215 -0.95 -9.17 -1.67
N PHE A 216 -2.28 -9.09 -1.42
CA PHE A 216 -2.87 -8.87 -0.11
C PHE A 216 -2.50 -10.00 0.86
N GLY A 217 -2.51 -11.23 0.34
CA GLY A 217 -2.16 -12.44 1.08
C GLY A 217 -0.70 -12.40 1.46
N VAL A 218 0.18 -11.93 0.52
CA VAL A 218 1.62 -11.77 0.86
C VAL A 218 1.72 -10.65 1.93
N LEU A 219 0.95 -9.57 1.78
CA LEU A 219 0.88 -8.48 2.75
C LEU A 219 0.51 -9.01 4.16
N MET A 220 -0.58 -9.80 4.27
CA MET A 220 -1.05 -10.40 5.52
C MET A 220 0.07 -11.22 6.18
N TRP A 221 0.79 -12.04 5.36
CA TRP A 221 1.91 -12.84 5.86
C TRP A 221 2.99 -11.92 6.48
N GLU A 222 3.39 -10.85 5.75
CA GLU A 222 4.40 -9.87 6.19
C GLU A 222 3.99 -9.25 7.53
N ALA A 223 2.66 -8.92 7.67
CA ALA A 223 2.10 -8.29 8.86
C ALA A 223 2.12 -9.17 10.10
N PHE A 224 1.70 -10.44 9.98
CA PHE A 224 1.72 -11.36 11.13
C PHE A 224 3.15 -11.82 11.45
N SER A 225 4.08 -11.70 10.47
CA SER A 225 5.50 -12.02 10.62
C SER A 225 6.30 -10.79 11.08
N TYR A 226 5.62 -9.72 11.51
CA TYR A 226 6.26 -8.50 12.02
C TYR A 226 7.28 -7.87 11.07
N GLY A 227 6.89 -7.81 9.81
CA GLY A 227 7.64 -7.18 8.74
C GLY A 227 8.85 -7.93 8.26
N GLN A 228 8.84 -9.24 8.36
CA GLN A 228 9.96 -10.01 7.84
C GLN A 228 9.76 -10.25 6.35
N LYS A 229 10.86 -10.34 5.60
CA LYS A 229 10.85 -10.50 4.14
C LYS A 229 10.20 -11.81 3.71
N PRO A 230 9.21 -11.79 2.75
CA PRO A 230 8.63 -13.06 2.28
C PRO A 230 9.63 -13.84 1.41
N TYR A 231 9.62 -15.20 1.44
CA TYR A 231 10.53 -16.07 0.64
C TYR A 231 12.01 -15.64 0.79
N ARG A 232 12.44 -15.30 2.01
CA ARG A 232 13.78 -14.80 2.33
C ARG A 232 14.92 -15.58 1.64
N GLY A 233 15.73 -14.86 0.86
CA GLY A 233 16.89 -15.40 0.15
C GLY A 233 16.61 -16.14 -1.14
N MET A 234 15.32 -16.31 -1.49
CA MET A 234 14.94 -16.97 -2.73
C MET A 234 15.00 -15.99 -3.88
N LYS A 235 15.26 -16.50 -5.08
CA LYS A 235 15.25 -15.68 -6.31
C LYS A 235 13.80 -15.71 -6.76
N GLY A 236 13.39 -14.76 -7.61
CA GLY A 236 12.04 -14.72 -8.15
C GLY A 236 11.68 -16.02 -8.85
N SER A 237 12.66 -16.59 -9.60
CA SER A 237 12.55 -17.86 -10.33
C SER A 237 12.24 -19.04 -9.40
N GLU A 238 12.87 -19.05 -8.21
CA GLU A 238 12.69 -20.05 -7.15
C GLU A 238 11.26 -20.00 -6.59
N VAL A 239 10.72 -18.77 -6.41
CA VAL A 239 9.36 -18.55 -5.90
C VAL A 239 8.32 -19.10 -6.89
N THR A 240 8.53 -18.86 -8.20
CA THR A 240 7.62 -19.33 -9.26
C THR A 240 7.49 -20.86 -9.25
N ALA A 241 8.62 -21.58 -9.09
CA ALA A 241 8.72 -23.03 -9.05
C ALA A 241 8.07 -23.59 -7.80
N MET A 242 8.33 -22.98 -6.63
CA MET A 242 7.77 -23.37 -5.34
C MET A 242 6.23 -23.33 -5.41
N LEU A 243 5.69 -22.22 -5.94
CA LEU A 243 4.25 -22.01 -6.04
C LEU A 243 3.56 -23.03 -6.93
N GLU A 244 4.26 -23.47 -7.99
CA GLU A 244 3.77 -24.47 -8.94
C GLU A 244 3.75 -25.90 -8.38
N LYS A 245 4.50 -26.15 -7.28
CA LYS A 245 4.49 -27.41 -6.54
C LYS A 245 3.34 -27.41 -5.51
N GLY A 246 2.55 -26.34 -5.48
CA GLY A 246 1.45 -26.19 -4.52
C GLY A 246 1.92 -25.71 -3.16
N GLU A 247 3.20 -25.29 -3.05
CA GLU A 247 3.80 -24.82 -1.79
C GLU A 247 3.52 -23.33 -1.53
N ARG A 248 3.23 -23.02 -0.26
CA ARG A 248 2.92 -21.71 0.27
C ARG A 248 3.72 -21.47 1.55
N MET A 249 3.91 -20.19 1.93
CA MET A 249 4.63 -19.84 3.15
C MET A 249 3.85 -20.35 4.35
N GLY A 250 4.58 -20.76 5.38
CA GLY A 250 4.02 -21.30 6.61
C GLY A 250 3.30 -20.24 7.43
N CYS A 251 2.52 -20.69 8.41
CA CYS A 251 1.76 -19.83 9.29
C CYS A 251 2.68 -19.09 10.24
N PRO A 252 2.77 -17.75 10.18
CA PRO A 252 3.62 -17.03 11.15
C PRO A 252 3.34 -17.39 12.62
N ALA A 253 4.38 -17.23 13.47
CA ALA A 253 4.28 -17.46 14.91
C ALA A 253 3.21 -16.52 15.52
N GLY A 254 2.27 -17.11 16.24
CA GLY A 254 1.18 -16.39 16.88
C GLY A 254 0.07 -15.93 15.96
N CYS A 255 0.12 -16.34 14.68
CA CYS A 255 -0.89 -15.92 13.72
C CYS A 255 -2.13 -16.77 13.92
N PRO A 256 -3.30 -16.11 14.14
CA PRO A 256 -4.56 -16.88 14.26
C PRO A 256 -4.81 -17.70 13.01
N ARG A 257 -5.26 -18.93 13.21
CA ARG A 257 -5.55 -19.91 12.17
C ARG A 257 -6.55 -19.46 11.10
N GLU A 258 -7.61 -18.72 11.49
CA GLU A 258 -8.62 -18.19 10.54
C GLU A 258 -7.95 -17.19 9.58
N MET A 259 -7.00 -16.42 10.10
CA MET A 259 -6.22 -15.45 9.33
C MET A 259 -5.26 -16.11 8.35
N TYR A 260 -4.62 -17.23 8.74
CA TYR A 260 -3.72 -17.99 7.86
C TYR A 260 -4.52 -18.70 6.80
N ASP A 261 -5.72 -19.19 7.16
CA ASP A 261 -6.66 -19.83 6.23
C ASP A 261 -7.01 -18.81 5.13
N LEU A 262 -7.25 -17.51 5.55
CA LEU A 262 -7.54 -16.42 4.59
C LEU A 262 -6.36 -16.15 3.66
N MET A 263 -5.11 -16.07 4.17
CA MET A 263 -3.88 -15.91 3.34
C MET A 263 -3.86 -16.99 2.27
N ASN A 264 -4.12 -18.27 2.68
CA ASN A 264 -4.11 -19.42 1.76
C ASN A 264 -5.15 -19.27 0.69
N LEU A 265 -6.37 -18.81 1.04
CA LEU A 265 -7.41 -18.52 0.04
C LEU A 265 -6.97 -17.36 -0.87
N CYS A 266 -6.22 -16.33 -0.33
CA CYS A 266 -5.69 -15.24 -1.20
C CYS A 266 -4.67 -15.81 -2.18
N TRP A 267 -4.01 -16.91 -1.78
CA TRP A 267 -3.02 -17.62 -2.59
C TRP A 267 -3.59 -18.74 -3.46
N THR A 268 -4.91 -18.71 -3.76
CA THR A 268 -5.49 -19.70 -4.68
C THR A 268 -4.80 -19.51 -6.07
N TYR A 269 -4.16 -20.57 -6.62
CA TYR A 269 -3.50 -20.56 -7.95
C TYR A 269 -4.50 -20.18 -9.07
N ASP A 270 -5.68 -20.85 -9.11
CA ASP A 270 -6.71 -20.56 -10.12
C ASP A 270 -7.40 -19.23 -9.79
N VAL A 271 -7.25 -18.26 -10.71
CA VAL A 271 -7.77 -16.88 -10.58
C VAL A 271 -9.30 -16.79 -10.45
N GLU A 272 -10.05 -17.68 -11.15
CA GLU A 272 -11.51 -17.78 -11.12
C GLU A 272 -12.03 -18.19 -9.76
N ASN A 273 -11.27 -19.03 -9.03
CA ASN A 273 -11.68 -19.50 -7.71
C ASN A 273 -11.23 -18.60 -6.57
N ARG A 274 -10.27 -17.70 -6.86
CA ARG A 274 -9.66 -16.79 -5.91
C ARG A 274 -10.67 -15.74 -5.47
N PRO A 275 -10.82 -15.41 -4.17
CA PRO A 275 -11.77 -14.34 -3.82
C PRO A 275 -11.36 -12.96 -4.34
N GLY A 276 -12.36 -12.09 -4.42
CA GLY A 276 -12.20 -10.67 -4.71
C GLY A 276 -12.14 -9.99 -3.36
N PHE A 277 -11.92 -8.67 -3.31
CA PHE A 277 -11.82 -7.94 -2.05
C PHE A 277 -13.14 -7.82 -1.28
N ALA A 278 -14.29 -7.92 -2.00
CA ALA A 278 -15.61 -7.89 -1.34
C ALA A 278 -15.73 -9.08 -0.39
N ALA A 279 -15.30 -10.27 -0.87
CA ALA A 279 -15.30 -11.52 -0.11
C ALA A 279 -14.25 -11.50 1.00
N VAL A 280 -13.02 -11.03 0.70
CA VAL A 280 -11.90 -10.90 1.66
C VAL A 280 -12.30 -9.97 2.82
N GLU A 281 -12.73 -8.74 2.48
CA GLU A 281 -13.12 -7.70 3.45
C GLU A 281 -14.24 -8.20 4.35
N LEU A 282 -15.25 -8.87 3.76
CA LEU A 282 -16.37 -9.39 4.54
C LEU A 282 -15.92 -10.45 5.53
N ARG A 283 -14.98 -11.34 5.11
CA ARG A 283 -14.46 -12.35 6.05
C ARG A 283 -13.60 -11.70 7.14
N LEU A 284 -12.82 -10.65 6.80
CA LEU A 284 -12.03 -9.94 7.83
C LEU A 284 -12.91 -9.12 8.77
N ARG A 285 -13.99 -8.54 8.24
CA ARG A 285 -14.93 -7.70 8.99
C ARG A 285 -15.59 -8.52 10.09
N ASN A 286 -16.17 -9.68 9.72
CA ASN A 286 -16.80 -10.63 10.63
C ASN A 286 -15.86 -11.04 11.75
N TYR A 287 -14.64 -11.42 11.38
CA TYR A 287 -13.61 -11.84 12.31
C TYR A 287 -13.25 -10.72 13.31
N TYR A 288 -13.10 -9.46 12.84
CA TYR A 288 -12.83 -8.24 13.62
C TYR A 288 -14.02 -7.95 14.56
N TYR A 289 -15.25 -8.17 14.05
CA TYR A 289 -16.49 -8.00 14.79
C TYR A 289 -16.56 -9.00 15.96
N ASP A 290 -16.04 -10.23 15.76
CA ASP A 290 -16.00 -11.31 16.74
C ASP A 290 -14.85 -11.20 17.76
N VAL A 291 -13.64 -10.96 17.27
CA VAL A 291 -12.39 -10.96 18.04
C VAL A 291 -12.02 -9.63 18.70
N VAL A 292 -12.15 -8.50 17.96
CA VAL A 292 -11.70 -7.18 18.41
C VAL A 292 -12.70 -6.34 19.22
N ASN A 293 -14.00 -6.70 19.23
CA ASN A 293 -15.05 -6.01 19.99
C ASN A 293 -14.78 -5.96 21.53
N HIS A 294 -14.08 -4.88 21.98
CA HIS A 294 -13.69 -4.54 23.38
C HIS A 294 -12.60 -3.46 23.42
C1 FPX B . 4.09 12.42 -1.67
C2 FPX B . 3.24 11.37 -2.33
C3 FPX B . 2.77 11.59 -3.64
C4 FPX B . 1.92 10.63 -4.26
C5 FPX B . 1.60 9.43 -3.61
N6 FPX B . 0.77 8.53 -4.35
C7 FPX B . -0.11 7.61 -3.86
O8 FPX B . -0.29 7.40 -2.69
C9 FPX B . -0.94 6.82 -4.78
C10 FPX B . -0.86 6.93 -6.20
C11 FPX B . -1.72 6.15 -6.98
C12 FPX B . -2.63 5.25 -6.36
C13 FPX B . -2.71 5.16 -4.96
C14 FPX B . -1.86 5.94 -4.18
C15 FPX B . -3.70 4.28 -4.28
F16 FPX B . -3.64 2.95 -4.67
F17 FPX B . -3.70 4.42 -2.90
F18 FPX B . -4.92 4.79 -4.62
C19 FPX B . 2.08 9.21 -2.30
C20 FPX B . 2.88 10.16 -1.65
C21 FPX B . 3.40 9.87 -0.26
C22 FPX B . 2.63 10.02 0.88
C23 FPX B . 3.27 9.70 2.17
C24 FPX B . 2.57 9.77 3.40
N25 FPX B . 3.23 9.46 4.54
C26 FPX B . 4.53 9.08 4.52
N27 FPX B . 5.15 8.74 5.72
C28 FPX B . 6.47 8.30 5.95
C29 FPX B . 7.29 7.72 4.91
C30 FPX B . 8.59 7.24 5.26
C31 FPX B . 9.06 7.33 6.62
C32 FPX B . 8.25 7.87 7.59
C33 FPX B . 6.96 8.40 7.25
N34 FPX B . 5.19 9.03 3.39
C35 FPX B . 4.64 9.30 2.22
N36 FPX B . 5.40 9.18 1.07
C37 FPX B . 6.84 8.75 1.13
C38 FPX B . 4.82 9.44 -0.14
O39 FPX B . 5.50 9.33 -1.15
#